data_8HTC
#
_entry.id   8HTC
#
_cell.length_a   38.490
_cell.length_b   74.460
_cell.length_c   50.460
_cell.angle_alpha   90.000
_cell.angle_beta   99.110
_cell.angle_gamma   90.000
#
_symmetry.space_group_name_H-M   'P 1 21 1'
#
loop_
_entity.id
_entity.type
_entity.pdbx_description
1 polymer 'NAD(+)--protein-threonine ADP-ribosyltransferase'
2 polymer 'Ubiquitin-40S ribosomal protein S27a (Fragment)'
3 water water
#
loop_
_entity_poly.entity_id
_entity_poly.type
_entity_poly.pdbx_seq_one_letter_code
_entity_poly.pdbx_strand_id
1 'polypeptide(L)'
;SNRQEKLAQL(MSE)RQFESGGLYLRTVSDHRDEFENTF(MSE)PKLDACLGHGCDERYWSSATFIQQGLNGKVHDPHAD
RTGLIISADARLGGFSTFDAATANVPSGLEPSQYFPGQFPKFD(MSE)(MSE)GAYQATWNEDIFSVDATAVSEQQ
(MSE)DELGIPDEYRSVFDFDRIQEK(MSE)AQPRLAGREVEPTEAKICYQPKDVLGIYVDVDSPASQSKARELQQA
(MSE)REQGFDLPFIAYRGGAAQELASV
;
A
2 'polypeptide(L)'
;GPLGSMQIFVKTLTGKTITLEVEPSDTIENVKAKIQDKEGIPPDQQRLIFAGKQLEDGRTLSDYNIQKESTLHLVLRLRG
G
;
B
#
# COMPACT_ATOMS: atom_id res chain seq x y z
N SER A 1 2.67 3.53 -28.14
CA SER A 1 2.78 2.17 -28.67
C SER A 1 1.39 1.58 -28.93
N ASN A 2 1.32 0.64 -29.87
CA ASN A 2 0.08 -0.10 -30.09
C ASN A 2 0.00 -1.27 -29.12
N ARG A 3 -1.06 -2.07 -29.25
CA ARG A 3 -1.30 -3.15 -28.28
C ARG A 3 -0.14 -4.13 -28.25
N GLN A 4 0.33 -4.57 -29.43
CA GLN A 4 1.36 -5.60 -29.48
C GLN A 4 2.69 -5.10 -28.92
N GLU A 5 3.00 -3.82 -29.11
CA GLU A 5 4.25 -3.28 -28.57
C GLU A 5 4.19 -3.18 -27.05
N LYS A 6 3.03 -2.85 -26.49
CA LYS A 6 2.91 -2.83 -25.03
C LYS A 6 3.00 -4.24 -24.45
N LEU A 7 2.36 -5.21 -25.10
CA LEU A 7 2.42 -6.58 -24.63
C LEU A 7 3.86 -7.08 -24.59
N ALA A 8 4.61 -6.84 -25.67
CA ALA A 8 6.00 -7.31 -25.72
C ALA A 8 6.85 -6.63 -24.65
N GLN A 9 6.63 -5.34 -24.43
CA GLN A 9 7.32 -4.66 -23.33
C GLN A 9 6.86 -5.19 -21.98
N LEU A 10 5.56 -5.49 -21.86
CA LEU A 10 5.05 -6.10 -20.64
C LEU A 10 5.76 -7.41 -20.33
N ARG A 12 8.44 -8.75 -21.57
CA ARG A 12 9.88 -8.58 -21.39
C ARG A 12 10.21 -8.19 -19.96
N GLN A 13 9.45 -7.25 -19.40
CA GLN A 13 9.69 -6.84 -18.02
C GLN A 13 9.27 -7.93 -17.04
N PHE A 14 8.12 -8.56 -17.27
CA PHE A 14 7.63 -9.58 -16.37
C PHE A 14 8.61 -10.75 -16.26
N GLU A 15 9.14 -11.21 -17.40
CA GLU A 15 10.05 -12.34 -17.44
C GLU A 15 11.47 -12.00 -17.03
N SER A 16 11.79 -10.72 -16.79
CA SER A 16 13.13 -10.33 -16.40
C SER A 16 13.06 -9.77 -14.99
N GLY A 17 12.97 -8.44 -14.83
CA GLY A 17 13.04 -7.83 -13.52
C GLY A 17 11.71 -7.59 -12.84
N GLY A 18 10.60 -7.79 -13.53
CA GLY A 18 9.30 -7.54 -12.95
C GLY A 18 8.78 -6.15 -13.25
N LEU A 19 7.60 -5.88 -12.69
CA LEU A 19 6.92 -4.60 -12.87
C LEU A 19 5.79 -4.50 -11.85
N TYR A 20 4.83 -3.59 -12.05
CA TYR A 20 3.82 -3.31 -11.05
C TYR A 20 2.43 -3.72 -11.52
N LEU A 21 1.59 -4.11 -10.55
CA LEU A 21 0.17 -4.35 -10.77
C LEU A 21 -0.61 -3.52 -9.76
N ARG A 22 -1.55 -2.72 -10.27
CA ARG A 22 -2.40 -1.89 -9.43
C ARG A 22 -3.86 -2.28 -9.68
N THR A 23 -4.47 -2.97 -8.71
CA THR A 23 -5.90 -3.23 -8.77
C THR A 23 -6.68 -2.01 -8.31
N VAL A 24 -7.89 -1.86 -8.83
CA VAL A 24 -8.76 -0.75 -8.49
C VAL A 24 -10.16 -1.27 -8.20
N SER A 25 -10.77 -0.73 -7.15
CA SER A 25 -12.15 -1.09 -6.84
C SER A 25 -13.15 -0.35 -7.73
N ASP A 26 -12.77 0.82 -8.25
CA ASP A 26 -13.62 1.62 -9.12
C ASP A 26 -12.81 2.05 -10.33
N HIS A 27 -12.96 1.33 -11.45
CA HIS A 27 -12.23 1.65 -12.67
C HIS A 27 -12.65 3.01 -13.22
N ARG A 28 -13.93 3.37 -13.08
CA ARG A 28 -14.39 4.67 -13.55
C ARG A 28 -13.72 5.79 -12.77
N ASP A 29 -13.64 5.66 -11.45
CA ASP A 29 -12.92 6.64 -10.65
C ASP A 29 -11.45 6.69 -11.01
N GLU A 30 -10.84 5.52 -11.24
CA GLU A 30 -9.43 5.49 -11.62
C GLU A 30 -9.22 6.14 -12.99
N PHE A 31 -10.08 5.81 -13.95
CA PHE A 31 -9.95 6.39 -15.29
C PHE A 31 -10.20 7.90 -15.24
N GLU A 32 -11.33 8.32 -14.66
CA GLU A 32 -11.73 9.72 -14.74
C GLU A 32 -10.84 10.62 -13.89
N ASN A 33 -10.51 10.18 -12.68
CA ASN A 33 -9.89 11.07 -11.70
C ASN A 33 -8.38 10.85 -11.53
N THR A 34 -7.82 9.79 -12.10
CA THR A 34 -6.37 9.59 -12.05
C THR A 34 -5.75 9.59 -13.45
N PHE A 35 -6.19 8.70 -14.34
CA PHE A 35 -5.55 8.58 -15.64
C PHE A 35 -5.74 9.83 -16.49
N PRO A 37 -6.57 13.05 -15.70
CA PRO A 37 -5.75 14.20 -15.26
C PRO A 37 -4.28 14.05 -15.61
N LYS A 38 -3.75 12.83 -15.53
CA LYS A 38 -2.37 12.59 -15.93
C LYS A 38 -2.16 12.83 -17.41
N LEU A 39 -3.10 12.36 -18.25
CA LEU A 39 -2.94 12.54 -19.69
C LEU A 39 -3.12 14.00 -20.09
N ASP A 40 -4.09 14.69 -19.47
CA ASP A 40 -4.27 16.12 -19.72
C ASP A 40 -2.96 16.87 -19.51
N ALA A 41 -2.26 16.56 -18.41
CA ALA A 41 -0.98 17.20 -18.17
C ALA A 41 0.04 16.81 -19.23
N CYS A 42 0.08 15.53 -19.60
CA CYS A 42 1.09 15.06 -20.56
C CYS A 42 0.87 15.67 -21.94
N LEU A 43 -0.38 15.76 -22.38
CA LEU A 43 -0.69 16.39 -23.66
C LEU A 43 -0.64 17.92 -23.57
N GLY A 44 -0.47 18.48 -22.38
CA GLY A 44 -0.38 19.92 -22.22
C GLY A 44 1.03 20.41 -22.07
N HIS A 45 1.36 20.99 -20.91
CA HIS A 45 2.67 21.56 -20.68
C HIS A 45 3.71 20.53 -20.20
N GLY A 46 3.28 19.31 -19.92
CA GLY A 46 4.18 18.24 -19.53
C GLY A 46 3.59 17.35 -18.45
N CYS A 47 4.04 16.10 -18.42
CA CYS A 47 3.63 15.19 -17.35
C CYS A 47 4.15 15.70 -16.02
N ASP A 48 3.32 15.61 -14.98
CA ASP A 48 3.73 15.99 -13.64
C ASP A 48 3.52 14.82 -12.70
N GLU A 49 4.08 14.94 -11.49
CA GLU A 49 4.06 13.85 -10.54
C GLU A 49 3.14 14.18 -9.35
N ARG A 50 1.90 14.52 -9.66
CA ARG A 50 0.93 14.93 -8.65
C ARG A 50 0.17 13.76 -8.03
N TYR A 51 -0.10 12.70 -8.80
CA TYR A 51 -0.92 11.59 -8.34
C TYR A 51 -0.04 10.39 -8.03
N TRP A 52 -0.09 9.92 -6.80
CA TRP A 52 0.60 8.71 -6.38
C TRP A 52 -0.41 7.61 -6.11
N SER A 53 0.00 6.38 -6.37
CA SER A 53 -0.91 5.24 -6.35
C SER A 53 -0.26 4.07 -5.64
N SER A 54 -1.10 3.16 -5.16
CA SER A 54 -0.66 1.93 -4.53
C SER A 54 -0.65 0.80 -5.55
N ALA A 55 0.42 0.01 -5.53
CA ALA A 55 0.57 -1.09 -6.48
C ALA A 55 1.29 -2.24 -5.80
N THR A 56 1.28 -3.39 -6.49
CA THR A 56 1.97 -4.59 -6.04
C THR A 56 3.07 -4.91 -7.04
N PHE A 57 4.16 -5.50 -6.54
CA PHE A 57 5.23 -5.96 -7.40
C PHE A 57 4.90 -7.34 -7.94
N ILE A 58 5.05 -7.53 -9.26
CA ILE A 58 4.81 -8.82 -9.89
C ILE A 58 6.01 -9.17 -10.77
N GLN A 59 6.28 -10.47 -10.87
CA GLN A 59 7.45 -10.98 -11.58
C GLN A 59 7.24 -12.46 -11.84
N GLN A 60 7.71 -12.92 -13.00
CA GLN A 60 7.56 -14.33 -13.35
C GLN A 60 8.23 -15.21 -12.31
N GLY A 61 7.50 -16.23 -11.86
CA GLY A 61 8.00 -17.13 -10.83
C GLY A 61 7.74 -16.66 -9.41
N LEU A 62 7.31 -15.42 -9.21
CA LEU A 62 7.02 -14.89 -7.89
C LEU A 62 5.53 -15.15 -7.60
N ASN A 63 5.27 -16.19 -6.80
CA ASN A 63 3.90 -16.56 -6.45
C ASN A 63 3.33 -15.53 -5.48
N GLY A 64 2.98 -14.38 -6.03
CA GLY A 64 2.47 -13.26 -5.25
C GLY A 64 0.98 -13.05 -5.46
N LYS A 65 0.29 -12.73 -4.37
CA LYS A 65 -1.12 -12.36 -4.44
C LYS A 65 -1.26 -10.86 -4.66
N VAL A 66 -2.37 -10.48 -5.30
CA VAL A 66 -2.72 -9.08 -5.47
C VAL A 66 -3.76 -8.73 -4.41
N HIS A 67 -3.97 -7.43 -4.20
CA HIS A 67 -4.97 -6.98 -3.24
C HIS A 67 -6.33 -6.97 -3.91
N ASP A 68 -7.12 -8.00 -3.63
CA ASP A 68 -8.49 -8.11 -4.17
C ASP A 68 -9.33 -8.87 -3.15
N PRO A 69 -9.79 -8.19 -2.09
CA PRO A 69 -10.48 -8.90 -1.01
C PRO A 69 -11.73 -9.63 -1.46
N HIS A 70 -12.54 -9.02 -2.32
CA HIS A 70 -13.78 -9.62 -2.77
C HIS A 70 -13.66 -10.29 -4.13
N ALA A 71 -12.44 -10.47 -4.63
CA ALA A 71 -12.16 -11.14 -5.89
C ALA A 71 -13.03 -10.59 -7.02
N ASP A 72 -12.97 -9.26 -7.19
CA ASP A 72 -13.84 -8.62 -8.18
C ASP A 72 -13.23 -7.34 -8.76
N ARG A 73 -11.92 -7.19 -8.75
CA ARG A 73 -11.28 -5.98 -9.22
C ARG A 73 -10.67 -6.18 -10.60
N THR A 74 -10.70 -5.11 -11.40
CA THR A 74 -9.82 -5.00 -12.54
C THR A 74 -8.56 -4.27 -12.08
N GLY A 75 -7.72 -3.83 -13.02
CA GLY A 75 -6.54 -3.10 -12.62
C GLY A 75 -5.65 -2.80 -13.82
N LEU A 76 -4.50 -2.22 -13.50
CA LEU A 76 -3.54 -1.77 -14.49
C LEU A 76 -2.20 -2.48 -14.29
N ILE A 77 -1.65 -3.01 -15.36
CA ILE A 77 -0.27 -3.47 -15.38
C ILE A 77 0.60 -2.29 -15.77
N ILE A 78 1.56 -1.95 -14.92
CA ILE A 78 2.29 -0.69 -15.02
C ILE A 78 3.77 -0.99 -15.18
N SER A 79 4.40 -0.29 -16.11
CA SER A 79 5.80 -0.51 -16.43
C SER A 79 6.70 -0.29 -15.21
N ALA A 80 7.82 -1.02 -15.20
CA ALA A 80 8.82 -0.85 -14.15
C ALA A 80 9.50 0.51 -14.20
N ASP A 81 9.28 1.28 -15.28
CA ASP A 81 9.87 2.61 -15.42
C ASP A 81 9.10 3.69 -14.68
N ALA A 82 8.16 3.31 -13.82
CA ALA A 82 7.36 4.30 -13.10
C ALA A 82 8.09 4.79 -11.86
N ARG A 83 7.93 6.07 -11.57
CA ARG A 83 8.55 6.67 -10.40
C ARG A 83 8.14 5.93 -9.14
N LEU A 84 9.13 5.53 -8.36
CA LEU A 84 8.94 4.72 -7.16
C LEU A 84 9.15 5.57 -5.91
N GLY A 85 8.21 5.49 -4.98
CA GLY A 85 8.30 6.23 -3.74
C GLY A 85 8.44 5.40 -2.48
N GLY A 86 8.57 4.09 -2.59
CA GLY A 86 8.69 3.25 -1.41
C GLY A 86 8.03 1.90 -1.62
N PHE A 87 8.60 0.86 -1.01
CA PHE A 87 8.07 -0.49 -1.15
C PHE A 87 8.17 -1.22 0.18
N SER A 88 7.14 -1.98 0.53
CA SER A 88 7.12 -2.77 1.74
C SER A 88 6.47 -4.12 1.44
N THR A 89 6.86 -5.13 2.21
CA THR A 89 6.22 -6.43 2.12
C THR A 89 4.86 -6.44 2.81
N PHE A 90 4.58 -5.46 3.65
CA PHE A 90 3.28 -5.31 4.29
C PHE A 90 3.01 -3.85 4.63
N GLN A 105 -4.06 10.95 -1.62
CA GLN A 105 -3.70 11.54 -0.34
C GLN A 105 -2.31 11.06 0.06
N TYR A 106 -1.35 11.32 -0.81
CA TYR A 106 0.00 10.84 -0.60
C TYR A 106 1.02 11.47 -1.54
N PHE A 107 2.09 12.00 -0.97
CA PHE A 107 3.28 12.30 -1.75
C PHE A 107 4.52 11.83 -0.99
N PRO A 108 5.64 11.59 -1.69
CA PRO A 108 6.76 10.88 -1.07
C PRO A 108 7.29 11.60 0.16
N GLY A 109 7.72 10.79 1.13
CA GLY A 109 8.05 11.25 2.47
C GLY A 109 7.16 10.65 3.53
N GLN A 110 5.91 10.34 3.18
CA GLN A 110 4.98 9.68 4.08
C GLN A 110 5.16 8.18 4.13
N PHE A 111 6.21 7.64 3.54
CA PHE A 111 6.35 6.19 3.57
C PHE A 111 7.19 5.78 4.78
N PRO A 112 6.70 4.86 5.61
CA PRO A 112 7.48 4.43 6.77
C PRO A 112 8.75 3.73 6.31
N LYS A 113 9.85 3.98 7.02
CA LYS A 113 11.08 3.31 6.68
C LYS A 113 11.10 1.86 7.17
N PHE A 114 10.34 1.56 8.23
CA PHE A 114 10.16 0.18 8.65
C PHE A 114 8.76 -0.01 9.19
N ASP A 115 8.36 -1.27 9.33
CA ASP A 115 7.07 -1.66 9.88
C ASP A 115 7.21 -1.73 11.40
N GLY A 118 5.25 -4.65 13.16
CA GLY A 118 5.89 -5.88 12.75
C GLY A 118 7.28 -6.04 13.34
N ALA A 119 8.05 -4.95 13.37
CA ALA A 119 9.39 -5.01 13.97
C ALA A 119 9.32 -5.31 15.46
N TYR A 120 8.28 -4.84 16.14
CA TYR A 120 8.19 -5.05 17.59
C TYR A 120 7.82 -6.48 17.94
N GLN A 121 6.88 -7.08 17.23
CA GLN A 121 6.53 -8.47 17.50
C GLN A 121 7.62 -9.44 17.07
N ALA A 122 8.64 -8.97 16.35
CA ALA A 122 9.80 -9.78 16.02
C ALA A 122 10.90 -9.66 17.08
N THR A 123 11.20 -8.43 17.49
CA THR A 123 12.32 -8.16 18.39
C THR A 123 11.91 -7.87 19.82
N TRP A 124 10.69 -7.36 20.03
CA TRP A 124 10.20 -6.99 21.36
C TRP A 124 11.12 -5.95 22.02
N ASN A 125 11.74 -5.12 21.19
CA ASN A 125 12.60 -4.03 21.66
C ASN A 125 11.73 -2.80 21.81
N GLU A 126 11.40 -2.45 23.05
CA GLU A 126 10.53 -1.30 23.30
C GLU A 126 11.19 0.03 22.97
N ASP A 127 12.49 0.03 22.66
CA ASP A 127 13.14 1.24 22.16
C ASP A 127 12.68 1.61 20.76
N ILE A 128 12.02 0.69 20.04
CA ILE A 128 11.47 1.00 18.73
C ILE A 128 10.48 2.16 18.80
N PHE A 129 9.80 2.30 19.94
CA PHE A 129 8.75 3.31 20.08
C PHE A 129 9.29 4.71 20.35
N SER A 130 10.60 4.87 20.48
CA SER A 130 11.19 6.18 20.70
C SER A 130 11.45 6.95 19.41
N VAL A 131 11.34 6.29 18.25
CA VAL A 131 11.65 6.91 16.98
C VAL A 131 10.39 7.03 16.14
N ASP A 132 10.47 7.90 15.14
CA ASP A 132 9.46 7.99 14.10
C ASP A 132 9.89 7.08 12.95
N ALA A 133 9.04 6.10 12.61
CA ALA A 133 9.39 5.20 11.52
C ALA A 133 9.36 5.88 10.15
N THR A 134 8.82 7.09 10.06
CA THR A 134 8.88 7.87 8.84
C THR A 134 10.07 8.82 8.79
N ALA A 135 10.83 8.91 9.88
CA ALA A 135 11.98 9.82 9.96
C ALA A 135 13.03 9.23 10.90
N VAL A 136 13.59 8.08 10.52
CA VAL A 136 14.64 7.43 11.29
C VAL A 136 15.82 7.16 10.37
N SER A 137 17.03 7.26 10.91
CA SER A 137 18.22 7.09 10.12
C SER A 137 18.54 5.61 9.91
N GLU A 138 19.37 5.34 8.89
CA GLU A 138 19.83 3.98 8.65
C GLU A 138 20.59 3.43 9.84
N GLN A 139 21.36 4.28 10.52
CA GLN A 139 22.17 3.82 11.64
C GLN A 139 21.33 3.53 12.88
N GLN A 140 20.27 4.32 13.11
CA GLN A 140 19.42 4.07 14.27
C GLN A 140 18.62 2.79 14.11
N ASP A 142 19.62 0.27 12.46
CA ASP A 142 20.65 -0.70 12.80
C ASP A 142 20.80 -0.80 14.31
N GLU A 143 20.94 0.34 14.99
CA GLU A 143 21.08 0.34 16.45
C GLU A 143 19.87 -0.29 17.12
N LEU A 144 18.67 -0.03 16.59
CA LEU A 144 17.47 -0.67 17.11
C LEU A 144 17.40 -2.15 16.76
N GLY A 145 18.25 -2.63 15.85
CA GLY A 145 18.22 -4.01 15.45
C GLY A 145 17.03 -4.38 14.60
N ILE A 146 16.49 -3.44 13.83
CA ILE A 146 15.32 -3.67 12.97
C ILE A 146 15.70 -4.68 11.89
N PRO A 147 15.12 -5.87 11.89
CA PRO A 147 15.48 -6.87 10.87
C PRO A 147 15.11 -6.41 9.47
N ASP A 148 15.81 -6.97 8.49
CA ASP A 148 15.69 -6.48 7.11
C ASP A 148 14.30 -6.73 6.53
N GLU A 149 13.63 -7.81 6.96
CA GLU A 149 12.32 -8.13 6.40
C GLU A 149 11.24 -7.14 6.82
N TYR A 150 11.50 -6.27 7.78
CA TYR A 150 10.54 -5.28 8.23
C TYR A 150 10.91 -3.87 7.76
N ARG A 151 11.94 -3.73 6.94
CA ARG A 151 12.38 -2.44 6.44
C ARG A 151 11.80 -2.19 5.06
N SER A 152 11.43 -0.93 4.81
CA SER A 152 11.05 -0.53 3.47
C SER A 152 12.29 -0.31 2.62
N VAL A 153 12.09 -0.31 1.29
CA VAL A 153 13.16 -0.02 0.34
C VAL A 153 12.65 1.02 -0.64
N PHE A 154 13.60 1.68 -1.31
CA PHE A 154 13.25 2.88 -2.07
C PHE A 154 13.87 2.94 -3.44
N ASP A 155 14.37 1.83 -3.99
CA ASP A 155 14.69 1.76 -5.40
C ASP A 155 14.29 0.40 -5.94
N PHE A 156 14.16 0.32 -7.27
CA PHE A 156 13.57 -0.86 -7.89
C PHE A 156 14.45 -2.10 -7.73
N ASP A 157 15.77 -1.93 -7.74
CA ASP A 157 16.65 -3.09 -7.59
C ASP A 157 16.50 -3.74 -6.23
N ARG A 158 16.22 -2.95 -5.20
CA ARG A 158 16.09 -3.52 -3.86
C ARG A 158 14.73 -4.14 -3.62
N ILE A 159 13.71 -3.78 -4.41
CA ILE A 159 12.49 -4.58 -4.46
C ILE A 159 12.81 -5.98 -4.99
N GLN A 160 13.55 -6.04 -6.11
CA GLN A 160 13.95 -7.31 -6.69
C GLN A 160 14.68 -8.18 -5.67
N GLU A 161 15.64 -7.59 -4.96
CA GLU A 161 16.41 -8.32 -3.96
C GLU A 161 15.51 -8.83 -2.84
N LYS A 162 14.62 -7.97 -2.33
CA LYS A 162 13.78 -8.36 -1.20
C LYS A 162 12.84 -9.50 -1.56
N ALA A 164 13.61 -11.77 -3.99
CA ALA A 164 14.39 -12.82 -4.62
C ALA A 164 14.20 -14.16 -3.92
N GLN A 165 14.19 -14.15 -2.58
CA GLN A 165 14.12 -15.41 -1.84
C GLN A 165 12.76 -16.09 -1.98
N PRO A 166 11.62 -15.42 -1.78
CA PRO A 166 10.35 -16.11 -2.04
C PRO A 166 10.17 -16.56 -3.48
N ARG A 167 10.66 -15.77 -4.45
CA ARG A 167 10.50 -16.14 -5.86
C ARG A 167 11.25 -17.42 -6.19
N LEU A 168 12.45 -17.57 -5.63
CA LEU A 168 13.25 -18.76 -5.92
C LEU A 168 12.69 -19.99 -5.21
N ALA A 169 12.22 -19.82 -3.96
CA ALA A 169 11.63 -20.93 -3.25
C ALA A 169 10.29 -21.34 -3.84
N GLY A 170 9.59 -20.41 -4.49
CA GLY A 170 8.27 -20.69 -4.99
C GLY A 170 7.17 -20.61 -3.96
N ARG A 171 7.46 -20.08 -2.77
CA ARG A 171 6.44 -19.94 -1.74
C ARG A 171 5.47 -18.82 -2.11
N GLU A 172 4.19 -19.04 -1.80
CA GLU A 172 3.20 -18.00 -2.03
C GLU A 172 3.39 -16.88 -1.01
N VAL A 173 3.29 -15.64 -1.49
CA VAL A 173 3.48 -14.47 -0.64
C VAL A 173 2.27 -13.56 -0.75
N GLU A 174 2.10 -12.74 0.28
CA GLU A 174 0.94 -11.88 0.40
C GLU A 174 1.12 -10.62 -0.44
N PRO A 175 0.05 -9.85 -0.65
CA PRO A 175 0.18 -8.60 -1.41
C PRO A 175 1.21 -7.67 -0.80
N THR A 176 2.14 -7.23 -1.63
CA THR A 176 3.09 -6.19 -1.29
C THR A 176 2.55 -4.85 -1.79
N GLU A 177 3.08 -3.76 -1.24
CA GLU A 177 2.66 -2.44 -1.72
C GLU A 177 3.86 -1.57 -2.03
N ALA A 178 3.85 -0.97 -3.20
CA ALA A 178 4.69 0.16 -3.54
C ALA A 178 3.82 1.38 -3.76
N LYS A 179 4.37 2.56 -3.47
CA LYS A 179 3.77 3.81 -3.87
C LYS A 179 4.48 4.27 -5.13
N ILE A 180 3.72 4.36 -6.23
CA ILE A 180 4.29 4.71 -7.53
C ILE A 180 3.55 5.92 -8.08
N CYS A 181 4.21 6.61 -9.00
CA CYS A 181 3.62 7.67 -9.81
C CYS A 181 3.77 7.24 -11.25
N TYR A 182 2.72 6.69 -11.83
CA TYR A 182 2.75 6.20 -13.21
C TYR A 182 2.25 7.27 -14.16
N GLN A 183 2.84 7.31 -15.34
CA GLN A 183 2.38 8.16 -16.44
C GLN A 183 1.66 7.31 -17.46
N PRO A 184 0.88 7.94 -18.36
CA PRO A 184 0.19 7.14 -19.40
C PRO A 184 1.11 6.25 -20.20
N LYS A 185 2.34 6.70 -20.46
CA LYS A 185 3.35 5.86 -21.09
C LYS A 185 3.46 4.50 -20.41
N ASP A 186 3.33 4.46 -19.09
CA ASP A 186 3.69 3.31 -18.27
C ASP A 186 2.59 2.25 -18.18
N VAL A 187 1.36 2.55 -18.61
CA VAL A 187 0.29 1.57 -18.53
C VAL A 187 0.42 0.60 -19.69
N LEU A 188 0.63 -0.68 -19.38
CA LEU A 188 0.92 -1.68 -20.39
C LEU A 188 -0.16 -2.74 -20.54
N GLY A 189 -1.12 -2.82 -19.62
CA GLY A 189 -2.16 -3.84 -19.73
C GLY A 189 -3.23 -3.64 -18.70
N ILE A 190 -4.32 -4.40 -18.88
CA ILE A 190 -5.48 -4.37 -18.00
C ILE A 190 -5.54 -5.71 -17.27
N TYR A 191 -5.52 -5.65 -15.94
CA TYR A 191 -5.58 -6.87 -15.14
C TYR A 191 -6.98 -7.47 -15.14
N VAL A 192 -7.06 -8.78 -15.37
CA VAL A 192 -8.32 -9.52 -15.39
C VAL A 192 -8.20 -10.71 -14.46
N ASP A 193 -9.17 -10.86 -13.56
CA ASP A 193 -9.28 -12.04 -12.70
C ASP A 193 -10.18 -13.05 -13.40
N VAL A 194 -9.57 -14.15 -13.86
CA VAL A 194 -10.25 -15.18 -14.66
C VAL A 194 -11.42 -15.82 -13.94
N ASP A 195 -11.41 -15.89 -12.61
CA ASP A 195 -12.47 -16.56 -11.88
C ASP A 195 -13.63 -15.64 -11.52
N SER A 196 -13.59 -14.38 -11.93
CA SER A 196 -14.57 -13.39 -11.48
C SER A 196 -15.28 -12.74 -12.66
N PRO A 197 -16.56 -13.03 -12.89
CA PRO A 197 -17.33 -12.25 -13.89
C PRO A 197 -17.27 -10.75 -13.68
N ALA A 198 -17.33 -10.29 -12.43
CA ALA A 198 -17.31 -8.86 -12.16
C ALA A 198 -16.01 -8.22 -12.62
N SER A 199 -14.88 -8.88 -12.35
CA SER A 199 -13.59 -8.38 -12.82
C SER A 199 -13.58 -8.24 -14.33
N GLN A 200 -14.07 -9.26 -15.04
CA GLN A 200 -14.05 -9.23 -16.50
C GLN A 200 -14.94 -8.13 -17.05
N SER A 201 -16.09 -7.88 -16.41
CA SER A 201 -16.96 -6.80 -16.85
C SER A 201 -16.29 -5.44 -16.66
N LYS A 202 -15.64 -5.24 -15.51
CA LYS A 202 -14.96 -3.97 -15.26
C LYS A 202 -13.78 -3.77 -16.20
N ALA A 203 -12.96 -4.81 -16.37
CA ALA A 203 -11.84 -4.73 -17.30
C ALA A 203 -12.31 -4.45 -18.72
N ARG A 204 -13.45 -5.01 -19.09
CA ARG A 204 -14.02 -4.77 -20.42
C ARG A 204 -14.29 -3.28 -20.64
N GLU A 205 -14.87 -2.62 -19.63
CA GLU A 205 -15.18 -1.20 -19.76
C GLU A 205 -13.91 -0.36 -19.69
N LEU A 206 -13.00 -0.70 -18.78
CA LEU A 206 -11.78 0.09 -18.64
C LEU A 206 -10.94 0.04 -19.91
N GLN A 207 -10.82 -1.15 -20.52
CA GLN A 207 -10.01 -1.28 -21.72
C GLN A 207 -10.61 -0.49 -22.89
N GLN A 208 -11.94 -0.53 -23.02
CA GLN A 208 -12.60 0.26 -24.06
C GLN A 208 -12.34 1.75 -23.89
N ALA A 209 -12.55 2.26 -22.68
CA ALA A 209 -12.38 3.68 -22.43
C ALA A 209 -10.95 4.14 -22.68
N ARG A 211 -8.66 2.55 -24.82
CA ARG A 211 -8.41 2.48 -26.26
C ARG A 211 -8.95 3.72 -26.95
N GLU A 212 -10.13 4.19 -26.53
CA GLU A 212 -10.71 5.39 -27.12
C GLU A 212 -9.88 6.64 -26.85
N GLN A 213 -8.99 6.60 -25.87
CA GLN A 213 -8.07 7.70 -25.62
C GLN A 213 -6.75 7.54 -26.36
N GLY A 214 -6.56 6.43 -27.07
CA GLY A 214 -5.33 6.17 -27.79
C GLY A 214 -4.42 5.13 -27.16
N PHE A 215 -4.86 4.45 -26.11
CA PHE A 215 -4.04 3.46 -25.43
C PHE A 215 -4.73 2.10 -25.55
N ASP A 216 -4.45 1.41 -26.65
CA ASP A 216 -4.97 0.07 -26.88
C ASP A 216 -4.13 -0.92 -26.08
N LEU A 217 -4.76 -1.55 -25.07
CA LEU A 217 -4.01 -2.33 -24.11
C LEU A 217 -4.40 -3.79 -24.14
N PRO A 218 -3.46 -4.70 -23.94
CA PRO A 218 -3.81 -6.12 -23.82
C PRO A 218 -4.47 -6.41 -22.48
N PHE A 219 -5.33 -7.42 -22.48
CA PHE A 219 -5.85 -7.97 -21.23
C PHE A 219 -4.81 -8.96 -20.70
N ILE A 220 -4.51 -8.86 -19.41
CA ILE A 220 -3.48 -9.69 -18.79
C ILE A 220 -4.11 -10.45 -17.63
N ALA A 221 -4.19 -11.77 -17.76
CA ALA A 221 -4.61 -12.66 -16.68
C ALA A 221 -3.37 -13.01 -15.86
N TYR A 222 -3.21 -12.37 -14.71
CA TYR A 222 -2.10 -12.66 -13.82
C TYR A 222 -2.57 -13.48 -12.63
N ARG A 223 -1.75 -14.45 -12.24
CA ARG A 223 -1.86 -15.12 -10.94
C ARG A 223 -0.69 -16.08 -10.78
N GLY A 224 -0.22 -16.20 -9.53
CA GLY A 224 0.79 -17.19 -9.20
C GLY A 224 2.09 -17.08 -9.96
N GLY A 225 2.61 -15.86 -10.11
CA GLY A 225 3.85 -15.68 -10.83
C GLY A 225 3.78 -15.98 -12.31
N ALA A 226 2.58 -16.09 -12.87
CA ALA A 226 2.39 -16.34 -14.29
C ALA A 226 1.41 -15.32 -14.85
N ALA A 227 1.53 -15.06 -16.15
CA ALA A 227 0.68 -14.07 -16.80
C ALA A 227 0.49 -14.47 -18.25
N GLN A 228 -0.71 -14.25 -18.76
CA GLN A 228 -1.00 -14.51 -20.16
C GLN A 228 -1.93 -13.44 -20.70
N GLU A 229 -1.67 -13.02 -21.93
CA GLU A 229 -2.53 -12.08 -22.62
C GLU A 229 -3.85 -12.74 -23.00
N LEU A 230 -4.89 -11.92 -23.14
CA LEU A 230 -6.20 -12.39 -23.57
C LEU A 230 -6.70 -11.48 -24.69
N ALA A 231 -7.64 -12.00 -25.48
CA ALA A 231 -8.18 -11.25 -26.62
C ALA A 231 -9.27 -10.28 -26.16
N SER A 232 -10.34 -10.81 -25.57
CA SER A 232 -11.40 -10.01 -24.98
C SER A 232 -11.77 -10.63 -23.65
N VAL A 233 -12.60 -9.93 -22.88
CA VAL A 233 -13.09 -10.45 -21.61
C VAL A 233 -14.58 -10.17 -21.45
N LEU B 3 -18.46 15.91 18.96
CA LEU B 3 -18.40 17.12 18.15
C LEU B 3 -16.96 17.59 17.94
N GLY B 4 -16.35 17.19 16.83
CA GLY B 4 -17.00 16.36 15.83
C GLY B 4 -16.78 14.88 16.04
N SER B 5 -17.77 14.22 16.64
CA SER B 5 -17.62 12.83 17.03
C SER B 5 -17.29 11.95 15.83
N MET B 6 -16.42 10.97 16.05
CA MET B 6 -15.97 10.03 15.03
C MET B 6 -15.74 8.68 15.69
N GLN B 7 -15.45 7.67 14.86
CA GLN B 7 -15.25 6.31 15.33
C GLN B 7 -13.90 5.81 14.80
N ILE B 8 -13.06 5.34 15.72
CA ILE B 8 -11.76 4.76 15.36
C ILE B 8 -11.69 3.35 15.94
N PHE B 9 -10.61 2.66 15.58
CA PHE B 9 -10.41 1.27 15.97
C PHE B 9 -9.04 1.11 16.60
N VAL B 10 -8.96 0.25 17.61
CA VAL B 10 -7.75 0.01 18.37
C VAL B 10 -7.51 -1.49 18.44
N LYS B 11 -6.41 -1.95 17.85
CA LYS B 11 -6.07 -3.36 17.83
C LYS B 11 -5.00 -3.67 18.87
N THR B 12 -5.19 -4.75 19.62
CA THR B 12 -4.23 -5.19 20.61
C THR B 12 -3.22 -6.12 19.97
N LEU B 13 -2.22 -6.54 20.76
CA LEU B 13 -1.23 -7.49 20.28
C LEU B 13 -1.69 -8.93 20.37
N THR B 14 -2.98 -9.17 20.64
CA THR B 14 -3.56 -10.51 20.65
C THR B 14 -4.77 -10.58 19.71
N GLY B 15 -4.78 -9.74 18.68
CA GLY B 15 -5.80 -9.79 17.65
C GLY B 15 -7.10 -9.09 17.97
N LYS B 16 -7.34 -8.73 19.23
CA LYS B 16 -8.61 -8.12 19.61
C LYS B 16 -8.75 -6.73 19.00
N THR B 17 -9.97 -6.40 18.58
CA THR B 17 -10.28 -5.10 17.99
C THR B 17 -11.27 -4.38 18.89
N ILE B 18 -10.92 -3.17 19.31
CA ILE B 18 -11.77 -2.32 20.14
C ILE B 18 -12.30 -1.19 19.27
N THR B 19 -13.54 -0.80 19.52
CA THR B 19 -14.18 0.31 18.81
C THR B 19 -14.43 1.46 19.78
N LEU B 20 -14.02 2.66 19.40
CA LEU B 20 -14.20 3.86 20.21
C LEU B 20 -14.95 4.91 19.42
N GLU B 21 -15.80 5.67 20.11
CA GLU B 21 -16.37 6.90 19.59
C GLU B 21 -15.59 8.07 20.18
N VAL B 22 -14.89 8.81 19.32
CA VAL B 22 -13.93 9.84 19.70
C VAL B 22 -14.26 11.10 18.89
N GLU B 23 -13.56 12.19 19.18
CA GLU B 23 -13.64 13.41 18.38
C GLU B 23 -12.25 14.00 18.27
N PRO B 24 -11.93 14.65 17.14
CA PRO B 24 -10.53 15.01 16.86
C PRO B 24 -9.92 16.01 17.84
N SER B 25 -10.71 16.62 18.73
CA SER B 25 -10.15 17.47 19.77
C SER B 25 -9.74 16.68 21.00
N ASP B 26 -10.11 15.41 21.08
CA ASP B 26 -9.74 14.60 22.24
C ASP B 26 -8.23 14.45 22.33
N THR B 27 -7.69 14.67 23.52
CA THR B 27 -6.28 14.45 23.73
C THR B 27 -5.99 12.96 23.78
N ILE B 28 -4.73 12.60 23.51
CA ILE B 28 -4.30 11.22 23.67
C ILE B 28 -4.52 10.78 25.11
N GLU B 29 -4.50 11.72 26.06
CA GLU B 29 -4.84 11.41 27.43
C GLU B 29 -6.29 10.96 27.56
N ASN B 30 -7.19 11.58 26.79
CA ASN B 30 -8.61 11.24 26.89
C ASN B 30 -8.92 9.93 26.18
N VAL B 31 -8.31 9.69 25.02
CA VAL B 31 -8.52 8.44 24.31
C VAL B 31 -8.05 7.26 25.14
N LYS B 32 -6.99 7.43 25.91
CA LYS B 32 -6.52 6.37 26.79
C LYS B 32 -7.49 6.11 27.93
N ALA B 33 -8.18 7.17 28.39
CA ALA B 33 -9.16 6.98 29.46
C ALA B 33 -10.37 6.19 28.98
N LYS B 34 -10.77 6.39 27.71
CA LYS B 34 -11.80 5.54 27.12
C LYS B 34 -11.34 4.10 27.05
N ILE B 35 -10.07 3.88 26.68
CA ILE B 35 -9.55 2.52 26.60
C ILE B 35 -9.51 1.88 27.98
N GLN B 36 -9.17 2.67 29.02
CA GLN B 36 -9.22 2.14 30.37
C GLN B 36 -10.62 1.68 30.74
N ASP B 37 -11.64 2.40 30.26
CA ASP B 37 -13.02 2.04 30.60
C ASP B 37 -13.40 0.68 30.03
N LYS B 38 -12.98 0.40 28.79
CA LYS B 38 -13.38 -0.82 28.12
C LYS B 38 -12.40 -1.97 28.32
N GLU B 39 -11.11 -1.67 28.48
CA GLU B 39 -10.09 -2.70 28.62
C GLU B 39 -9.44 -2.77 29.99
N GLY B 40 -9.72 -1.82 30.87
CA GLY B 40 -9.18 -1.87 32.22
C GLY B 40 -7.70 -1.60 32.32
N ILE B 41 -7.12 -0.89 31.36
CA ILE B 41 -5.69 -0.61 31.31
C ILE B 41 -5.47 0.83 31.74
N PRO B 42 -4.76 1.09 32.83
CA PRO B 42 -4.46 2.47 33.22
C PRO B 42 -3.70 3.19 32.12
N PRO B 43 -3.94 4.48 31.93
CA PRO B 43 -3.28 5.21 30.83
C PRO B 43 -1.77 5.25 30.93
N ASP B 44 -1.19 5.13 32.13
CA ASP B 44 0.26 5.13 32.24
C ASP B 44 0.89 3.84 31.74
N GLN B 45 0.08 2.81 31.47
CA GLN B 45 0.57 1.54 30.95
C GLN B 45 0.17 1.32 29.49
N GLN B 46 -0.19 2.38 28.78
CA GLN B 46 -0.63 2.29 27.39
C GLN B 46 0.35 2.98 26.46
N ARG B 47 0.64 2.33 25.34
CA ARG B 47 1.22 2.98 24.18
C ARG B 47 0.18 2.95 23.06
N LEU B 48 -0.01 4.08 22.39
CA LEU B 48 -0.87 4.14 21.22
C LEU B 48 -0.01 4.46 20.01
N ILE B 49 -0.01 3.56 19.04
CA ILE B 49 0.80 3.68 17.83
C ILE B 49 -0.10 4.01 16.66
N PHE B 50 0.33 4.96 15.84
CA PHE B 50 -0.38 5.28 14.61
C PHE B 50 0.62 5.76 13.56
N ALA B 51 0.55 5.17 12.38
CA ALA B 51 1.38 5.59 11.23
C ALA B 51 2.85 5.58 11.58
N GLY B 52 3.27 4.63 12.40
CA GLY B 52 4.67 4.47 12.72
C GLY B 52 5.23 5.45 13.75
N LYS B 53 4.42 5.86 14.72
CA LYS B 53 4.90 6.69 15.81
C LYS B 53 3.96 6.54 16.99
N GLN B 54 4.52 6.59 18.20
CA GLN B 54 3.71 6.46 19.39
C GLN B 54 3.19 7.83 19.80
N LEU B 55 1.87 7.93 19.98
CA LEU B 55 1.25 9.21 20.23
C LEU B 55 1.53 9.66 21.66
N GLU B 56 1.91 10.93 21.79
CA GLU B 56 2.36 11.48 23.06
C GLU B 56 1.23 12.16 23.79
N ASP B 57 1.20 12.00 25.11
CA ASP B 57 0.24 12.70 25.94
C ASP B 57 0.44 14.20 25.82
N GLY B 58 -0.63 14.95 26.03
CA GLY B 58 -0.64 16.40 25.81
C GLY B 58 -1.09 16.78 24.42
N ARG B 59 -0.63 16.04 23.41
CA ARG B 59 -1.10 16.26 22.06
C ARG B 59 -2.54 15.78 21.91
N THR B 60 -3.17 16.17 20.81
CA THR B 60 -4.57 15.83 20.54
C THR B 60 -4.65 14.87 19.37
N LEU B 61 -5.88 14.58 18.94
CA LEU B 61 -6.10 13.67 17.82
C LEU B 61 -5.76 14.32 16.50
N SER B 62 -6.04 15.62 16.36
CA SER B 62 -5.74 16.33 15.12
C SER B 62 -4.24 16.52 14.95
N ASP B 63 -3.52 16.75 16.06
CA ASP B 63 -2.07 16.92 16.02
C ASP B 63 -1.36 15.76 15.31
N TYR B 64 -2.01 14.60 15.23
CA TYR B 64 -1.49 13.47 14.49
C TYR B 64 -2.28 13.19 13.22
N ASN B 65 -3.24 14.07 12.89
CA ASN B 65 -4.01 13.98 11.65
C ASN B 65 -4.74 12.64 11.56
N ILE B 66 -5.23 12.16 12.71
CA ILE B 66 -6.03 10.94 12.75
C ILE B 66 -7.46 11.30 12.37
N GLN B 67 -8.01 10.61 11.38
CA GLN B 67 -9.35 10.86 10.88
C GLN B 67 -10.22 9.63 11.08
N LYS B 68 -11.45 9.72 10.56
CA LYS B 68 -12.47 8.71 10.82
C LYS B 68 -11.99 7.32 10.44
N GLU B 69 -12.31 6.35 11.31
CA GLU B 69 -12.08 4.92 11.07
C GLU B 69 -10.60 4.57 10.86
N SER B 70 -9.70 5.43 11.31
CA SER B 70 -8.30 5.04 11.37
C SER B 70 -8.11 3.92 12.40
N THR B 71 -6.99 3.22 12.29
CA THR B 71 -6.71 2.08 13.16
C THR B 71 -5.46 2.37 13.97
N LEU B 72 -5.61 2.44 15.29
CA LEU B 72 -4.50 2.55 16.21
C LEU B 72 -4.11 1.17 16.73
N HIS B 73 -2.89 1.08 17.26
CA HIS B 73 -2.38 -0.15 17.85
C HIS B 73 -2.04 0.11 19.31
N LEU B 74 -2.65 -0.67 20.20
CA LEU B 74 -2.39 -0.56 21.63
C LEU B 74 -1.27 -1.53 22.01
N VAL B 75 -0.24 -1.00 22.66
CA VAL B 75 0.85 -1.79 23.22
C VAL B 75 0.97 -1.43 24.69
N LEU B 76 1.04 -2.45 25.54
CA LEU B 76 1.13 -2.22 26.97
C LEU B 76 2.57 -1.93 27.38
N ARG B 77 2.72 -1.15 28.44
CA ARG B 77 4.03 -0.85 29.01
C ARG B 77 3.94 -0.95 30.52
N LEU B 78 5.11 -1.05 31.16
CA LEU B 78 5.13 -1.18 32.62
C LEU B 78 4.68 0.10 33.30
N ARG B 79 5.15 1.25 32.82
CA ARG B 79 4.81 2.55 33.39
C ARG B 79 5.45 3.61 32.51
N GLY B 80 5.11 4.87 32.79
CA GLY B 80 5.62 5.99 32.02
C GLY B 80 4.68 6.40 30.90
#